data_3GE6
#
_entry.id   3GE6
#
_cell.length_a   53.970
_cell.length_b   81.300
_cell.length_c   93.790
_cell.angle_alpha   90.000
_cell.angle_beta   90.000
_cell.angle_gamma   90.000
#
_symmetry.space_group_name_H-M   'P 21 21 21'
#
loop_
_entity.id
_entity.type
_entity.pdbx_description
1 polymer Nitroreductase
2 non-polymer 'FLAVIN MONONUCLEOTIDE'
3 water water
#
_entity_poly.entity_id   1
_entity_poly.type   'polypeptide(L)'
_entity_poly.pdbx_seq_one_letter_code
;G(MSE)TTQTATDF(MSE)EIVKGRRSIRNYDTNVKISKEE(MSE)TQILEEATLAPSSVN(MSE)QPWRFLVIDSEEGK
ATLAPLAKFNQVQVETSSAVIAVFGD(MSE)KAIDQLENIYDTAVEKGL(MSE)PQEVRDRQVPAIQG(MSE)YENVPAS
ALKDSILIDSGLVS(MSE)QL(MSE)LVARAHGYDTNPIGGYEKDQIAEAFG(MSE)EKDRYVPV(MSE)LLSIGKAVDA
GYPSVRLPINDIADWK
;
_entity_poly.pdbx_strand_id   A,B
#
# COMPACT_ATOMS: atom_id res chain seq x y z
N THR A 3 17.37 -21.51 6.44
CA THR A 3 16.08 -22.14 6.91
C THR A 3 14.97 -22.04 5.86
N THR A 4 14.97 -20.95 5.10
CA THR A 4 13.86 -20.65 4.17
C THR A 4 14.35 -20.62 2.71
N GLN A 5 13.40 -20.73 1.79
CA GLN A 5 13.75 -20.77 0.38
C GLN A 5 13.53 -19.40 -0.25
N THR A 6 14.61 -18.82 -0.74
CA THR A 6 14.54 -17.65 -1.63
C THR A 6 13.62 -17.90 -2.85
N ALA A 7 12.71 -16.96 -3.11
CA ALA A 7 11.89 -16.96 -4.28
C ALA A 7 12.16 -15.73 -5.18
N THR A 8 12.04 -15.93 -6.48
CA THR A 8 12.28 -14.88 -7.47
C THR A 8 11.09 -14.66 -8.39
N ASP A 9 10.21 -15.66 -8.53
CA ASP A 9 9.09 -15.55 -9.46
C ASP A 9 8.02 -14.63 -8.89
N PHE A 10 7.89 -13.47 -9.52
CA PHE A 10 6.96 -12.43 -9.10
C PHE A 10 5.55 -12.98 -8.95
N GLU A 12 4.32 -16.05 -8.58
CA GLU A 12 4.16 -16.97 -7.43
C GLU A 12 4.26 -16.22 -6.08
N ILE A 13 5.12 -15.22 -6.01
CA ILE A 13 5.27 -14.40 -4.77
C ILE A 13 3.94 -13.68 -4.46
N VAL A 14 3.30 -13.16 -5.51
CA VAL A 14 2.10 -12.35 -5.38
C VAL A 14 0.89 -13.28 -5.17
N LYS A 15 0.70 -14.21 -6.09
CA LYS A 15 -0.47 -15.08 -6.03
C LYS A 15 -0.48 -16.02 -4.80
N GLY A 16 0.71 -16.46 -4.38
CA GLY A 16 0.83 -17.34 -3.25
C GLY A 16 0.79 -16.67 -1.87
N ARG A 17 0.79 -15.35 -1.83
CA ARG A 17 0.67 -14.60 -0.57
C ARG A 17 -0.70 -14.81 0.09
N ARG A 18 -0.69 -15.33 1.31
CA ARG A 18 -1.85 -15.35 2.22
C ARG A 18 -1.44 -14.84 3.59
N SER A 19 -2.43 -14.53 4.41
CA SER A 19 -2.16 -14.23 5.81
C SER A 19 -1.86 -15.53 6.53
N ILE A 20 -0.63 -15.65 7.02
CA ILE A 20 -0.19 -16.85 7.73
C ILE A 20 -0.16 -16.56 9.21
N ARG A 21 -0.82 -17.41 9.97
CA ARG A 21 -1.08 -17.14 11.39
C ARG A 21 -0.19 -17.97 12.36
N ASN A 22 0.53 -18.95 11.81
CA ASN A 22 1.33 -19.90 12.57
C ASN A 22 2.73 -19.99 11.99
N TYR A 23 3.74 -19.79 12.83
CA TYR A 23 5.12 -19.75 12.35
C TYR A 23 5.99 -20.71 13.15
N ASP A 24 7.18 -20.99 12.62
CA ASP A 24 8.16 -21.88 13.20
C ASP A 24 8.87 -21.10 14.27
N THR A 25 8.69 -21.53 15.51
CA THR A 25 9.23 -20.81 16.68
C THR A 25 10.74 -20.91 16.83
N ASN A 26 11.37 -21.79 16.07
CA ASN A 26 12.81 -21.94 16.11
C ASN A 26 13.51 -21.17 14.99
N VAL A 27 12.74 -20.48 14.16
CA VAL A 27 13.36 -19.68 13.12
C VAL A 27 13.30 -18.21 13.51
N LYS A 28 14.46 -17.56 13.47
CA LYS A 28 14.62 -16.14 13.76
C LYS A 28 15.24 -15.47 12.54
N ILE A 29 15.00 -14.18 12.38
CA ILE A 29 15.51 -13.45 11.22
C ILE A 29 16.70 -12.63 11.71
N SER A 30 17.86 -12.73 11.02
CA SER A 30 19.05 -11.99 11.47
C SER A 30 18.93 -10.47 11.34
N LYS A 31 19.76 -9.74 12.09
CA LYS A 31 19.76 -8.28 12.00
C LYS A 31 19.97 -7.84 10.54
N GLU A 32 20.95 -8.42 9.87
CA GLU A 32 21.26 -8.03 8.51
C GLU A 32 20.17 -8.38 7.51
N GLU A 33 19.53 -9.55 7.67
CA GLU A 33 18.45 -9.94 6.77
C GLU A 33 17.21 -9.06 6.93
N THR A 35 17.28 -5.98 8.07
CA THR A 35 17.73 -4.71 7.49
C THR A 35 17.53 -4.67 5.97
N GLN A 36 17.91 -5.75 5.28
CA GLN A 36 17.78 -5.90 3.83
C GLN A 36 16.32 -5.92 3.41
N ILE A 37 15.50 -6.67 4.16
CA ILE A 37 14.06 -6.76 3.87
C ILE A 37 13.49 -5.36 3.94
N LEU A 38 13.85 -4.62 4.98
CA LEU A 38 13.32 -3.24 5.14
C LEU A 38 13.82 -2.24 4.08
N GLU A 39 15.09 -2.36 3.72
CA GLU A 39 15.70 -1.60 2.63
C GLU A 39 15.00 -1.82 1.32
N GLU A 40 14.68 -3.08 1.05
CA GLU A 40 13.99 -3.46 -0.17
C GLU A 40 12.54 -2.93 -0.13
N ALA A 41 11.85 -3.12 0.99
CA ALA A 41 10.47 -2.61 1.15
C ALA A 41 10.34 -1.09 1.00
N THR A 42 11.29 -0.34 1.56
CA THR A 42 11.19 1.10 1.61
C THR A 42 11.60 1.78 0.29
N LEU A 43 11.91 0.96 -0.72
CA LEU A 43 12.01 1.44 -2.07
C LEU A 43 10.65 1.98 -2.60
N ALA A 44 9.54 1.70 -1.89
CA ALA A 44 8.18 2.24 -2.23
C ALA A 44 8.16 3.73 -2.49
N PRO A 45 7.20 4.20 -3.29
CA PRO A 45 7.02 5.64 -3.47
C PRO A 45 6.26 6.27 -2.28
N SER A 46 6.33 7.60 -2.19
CA SER A 46 5.58 8.34 -1.22
C SER A 46 5.41 9.75 -1.80
N SER A 47 4.41 10.46 -1.31
CA SER A 47 4.19 11.87 -1.68
C SER A 47 5.46 12.64 -1.38
N VAL A 48 5.87 13.41 -2.39
CA VAL A 48 7.13 14.20 -2.44
C VAL A 48 8.37 13.48 -1.90
N ASN A 49 8.36 12.15 -2.04
CA ASN A 49 9.41 11.30 -1.45
C ASN A 49 9.65 11.54 0.05
N GLN A 51 8.65 9.74 2.59
CA GLN A 51 8.97 8.45 3.28
C GLN A 51 8.56 8.46 4.74
N PRO A 52 7.23 8.59 5.05
CA PRO A 52 6.77 8.84 6.42
C PRO A 52 6.69 7.60 7.29
N TRP A 53 6.91 6.43 6.70
CA TRP A 53 6.84 5.17 7.41
C TRP A 53 7.98 4.99 8.47
N ARG A 54 7.62 4.41 9.59
CA ARG A 54 8.54 4.12 10.68
C ARG A 54 8.21 2.75 11.23
N PHE A 55 9.22 2.01 11.71
CA PHE A 55 9.04 0.61 12.09
C PHE A 55 9.65 0.30 13.44
N LEU A 56 8.96 -0.54 14.19
CA LEU A 56 9.56 -1.30 15.27
C LEU A 56 9.67 -2.74 14.87
N VAL A 57 10.88 -3.30 15.01
CA VAL A 57 11.09 -4.72 14.73
C VAL A 57 11.10 -5.38 16.12
N ILE A 58 9.96 -5.93 16.50
CA ILE A 58 9.79 -6.50 17.82
C ILE A 58 10.13 -7.98 17.73
N ASP A 59 11.34 -8.36 18.16
CA ASP A 59 11.78 -9.76 18.08
C ASP A 59 12.38 -10.34 19.38
N SER A 60 12.79 -9.50 20.33
CA SER A 60 13.36 -10.04 21.56
C SER A 60 12.30 -10.67 22.46
N GLU A 61 12.75 -11.48 23.41
CA GLU A 61 11.83 -12.11 24.35
C GLU A 61 11.07 -11.03 25.14
N GLU A 62 11.78 -10.02 25.64
CA GLU A 62 11.14 -8.95 26.40
C GLU A 62 10.16 -8.09 25.54
N GLY A 63 10.52 -7.85 24.29
CA GLY A 63 9.64 -7.15 23.33
C GLY A 63 8.37 -7.90 23.00
N LYS A 64 8.50 -9.21 22.68
CA LYS A 64 7.32 -10.04 22.49
C LYS A 64 6.41 -10.06 23.74
N ALA A 65 7.01 -10.16 24.90
CA ALA A 65 6.29 -10.07 26.16
C ALA A 65 5.53 -8.74 26.36
N THR A 66 6.14 -7.63 26.02
CA THR A 66 5.48 -6.33 26.07
C THR A 66 4.32 -6.24 25.06
N LEU A 67 4.55 -6.77 23.87
CA LEU A 67 3.54 -6.72 22.79
C LEU A 67 2.34 -7.62 23.03
N ALA A 68 2.56 -8.81 23.56
CA ALA A 68 1.52 -9.85 23.66
C ALA A 68 0.17 -9.40 24.26
N PRO A 69 0.18 -8.76 25.43
CA PRO A 69 -0.98 -8.19 26.09
C PRO A 69 -1.74 -7.15 25.26
N LEU A 70 -1.05 -6.50 24.34
CA LEU A 70 -1.64 -5.50 23.47
C LEU A 70 -2.26 -6.06 22.21
N ALA A 71 -2.16 -7.35 21.93
CA ALA A 71 -2.52 -7.85 20.57
C ALA A 71 -3.76 -8.68 20.57
N LYS A 72 -4.51 -8.55 21.64
CA LYS A 72 -5.90 -8.93 21.62
C LYS A 72 -6.01 -10.44 21.33
N PHE A 73 -6.55 -10.68 20.13
N PHE A 73 -6.72 -10.81 20.26
CA PHE A 73 -6.98 -11.95 19.67
CA PHE A 73 -6.80 -12.19 19.89
C PHE A 73 -5.96 -12.53 18.70
C PHE A 73 -6.05 -12.37 18.58
N ASN A 74 -4.81 -11.88 18.61
CA ASN A 74 -3.82 -12.22 17.61
C ASN A 74 -2.54 -12.69 18.28
N GLN A 75 -2.69 -13.47 19.34
CA GLN A 75 -1.52 -13.89 20.10
C GLN A 75 -0.72 -15.01 19.47
N VAL A 76 -1.33 -15.87 18.65
CA VAL A 76 -0.57 -16.95 18.00
C VAL A 76 0.47 -16.32 17.06
N GLN A 77 0.04 -15.30 16.31
CA GLN A 77 0.92 -14.64 15.36
C GLN A 77 2.03 -13.95 16.14
N VAL A 78 1.65 -13.23 17.19
CA VAL A 78 2.63 -12.53 18.00
C VAL A 78 3.65 -13.51 18.64
N GLU A 79 3.18 -14.60 19.23
CA GLU A 79 4.12 -15.51 19.92
C GLU A 79 5.04 -16.32 18.99
N THR A 80 4.47 -16.95 17.97
CA THR A 80 5.22 -17.88 17.12
C THR A 80 6.12 -17.19 16.07
N SER A 81 5.80 -15.97 15.68
CA SER A 81 6.49 -15.20 14.66
C SER A 81 7.99 -15.01 14.95
N SER A 82 8.79 -14.90 13.89
CA SER A 82 10.20 -14.52 14.02
C SER A 82 10.29 -13.09 14.58
N ALA A 83 9.36 -12.23 14.16
CA ALA A 83 9.26 -10.85 14.67
C ALA A 83 7.85 -10.34 14.35
N VAL A 84 7.44 -9.31 15.07
CA VAL A 84 6.28 -8.50 14.66
C VAL A 84 6.85 -7.15 14.28
N ILE A 85 6.55 -6.72 13.05
CA ILE A 85 6.95 -5.38 12.57
C ILE A 85 5.76 -4.47 12.82
N ALA A 86 5.94 -3.50 13.72
CA ALA A 86 4.92 -2.47 13.99
C ALA A 86 5.18 -1.28 13.07
N VAL A 87 4.18 -0.99 12.24
CA VAL A 87 4.22 0.08 11.23
C VAL A 87 3.52 1.30 11.79
N PHE A 88 4.23 2.43 11.67
CA PHE A 88 3.69 3.73 12.01
C PHE A 88 3.96 4.74 10.92
N GLY A 89 3.16 5.81 10.96
CA GLY A 89 3.38 7.00 10.13
C GLY A 89 3.84 8.11 11.02
N ASP A 90 4.87 8.83 10.58
CA ASP A 90 5.42 9.98 11.33
C ASP A 90 4.76 11.28 10.89
N LYS A 92 5.56 14.08 11.69
CA LYS A 92 6.65 15.04 11.44
C LYS A 92 7.49 14.66 10.22
N ALA A 93 6.93 13.83 9.34
CA ALA A 93 7.67 13.30 8.19
C ALA A 93 8.32 14.40 7.35
N ILE A 94 7.65 15.53 7.16
CA ILE A 94 8.19 16.62 6.30
C ILE A 94 9.48 17.20 6.85
N ASP A 95 9.76 17.01 8.15
CA ASP A 95 10.99 17.49 8.76
C ASP A 95 12.24 16.85 8.15
N GLN A 96 12.07 15.68 7.50
CA GLN A 96 13.17 14.96 6.87
C GLN A 96 13.44 15.43 5.44
N LEU A 97 12.56 16.28 4.90
CA LEU A 97 12.70 16.71 3.48
C LEU A 97 14.08 17.25 3.11
N GLU A 98 14.63 18.16 3.93
CA GLU A 98 15.94 18.74 3.67
C GLU A 98 17.04 17.66 3.66
N ASN A 99 17.04 16.79 4.64
CA ASN A 99 17.93 15.62 4.62
C ASN A 99 17.81 14.76 3.35
N ILE A 100 16.59 14.45 2.91
CA ILE A 100 16.37 13.57 1.76
C ILE A 100 16.87 14.22 0.46
N TYR A 101 16.50 15.47 0.27
CA TYR A 101 16.88 16.23 -0.92
C TYR A 101 18.37 16.61 -0.88
N ASP A 102 18.89 16.99 0.30
CA ASP A 102 20.34 17.17 0.45
C ASP A 102 21.14 15.91 0.04
N THR A 103 20.64 14.73 0.40
CA THR A 103 21.29 13.48 0.06
C THR A 103 21.27 13.23 -1.44
N ALA A 104 20.13 13.48 -2.08
CA ALA A 104 20.01 13.44 -3.54
C ALA A 104 21.02 14.32 -4.23
N VAL A 105 21.22 15.55 -3.73
CA VAL A 105 22.22 16.44 -4.26
C VAL A 105 23.65 15.84 -4.08
N GLU A 106 23.96 15.36 -2.87
CA GLU A 106 25.29 14.81 -2.55
C GLU A 106 25.68 13.59 -3.37
N LYS A 107 24.69 12.77 -3.69
CA LYS A 107 24.87 11.59 -4.51
C LYS A 107 24.83 11.84 -6.02
N GLY A 108 24.66 13.09 -6.45
CA GLY A 108 24.71 13.42 -7.88
C GLY A 108 23.38 13.21 -8.58
N LEU A 109 22.31 13.04 -7.81
CA LEU A 109 21.04 12.61 -8.36
C LEU A 109 20.08 13.77 -8.63
N PRO A 111 20.25 18.17 -9.13
CA PRO A 111 20.96 19.46 -9.10
C PRO A 111 20.73 20.29 -7.84
N GLN A 112 21.78 20.94 -7.36
CA GLN A 112 21.67 21.89 -6.25
C GLN A 112 20.53 22.91 -6.43
N GLU A 113 20.45 23.52 -7.62
CA GLU A 113 19.46 24.55 -7.96
C GLU A 113 18.06 24.01 -7.84
N VAL A 114 17.87 22.78 -8.28
CA VAL A 114 16.60 22.12 -8.12
C VAL A 114 16.23 21.94 -6.65
N ARG A 115 17.17 21.46 -5.83
CA ARG A 115 16.94 21.30 -4.40
C ARG A 115 16.61 22.65 -3.76
N ASP A 116 17.41 23.67 -4.11
CA ASP A 116 17.24 25.03 -3.58
C ASP A 116 15.83 25.57 -3.79
N ARG A 117 15.22 25.18 -4.91
CA ARG A 117 13.89 25.64 -5.23
C ARG A 117 12.79 24.76 -4.65
N GLN A 118 12.92 23.44 -4.76
N GLN A 118 12.97 23.44 -4.76
CA GLN A 118 11.79 22.57 -4.39
CA GLN A 118 11.92 22.49 -4.41
C GLN A 118 11.62 22.38 -2.88
C GLN A 118 11.64 22.44 -2.91
N VAL A 119 12.68 22.42 -2.10
CA VAL A 119 12.53 22.23 -0.64
C VAL A 119 11.64 23.33 -0.02
N PRO A 120 11.94 24.61 -0.24
CA PRO A 120 10.99 25.65 0.21
C PRO A 120 9.60 25.60 -0.46
N ALA A 121 9.55 25.23 -1.73
CA ALA A 121 8.28 25.11 -2.42
C ALA A 121 7.38 24.06 -1.74
N ILE A 122 7.95 22.88 -1.51
CA ILE A 122 7.21 21.77 -0.90
C ILE A 122 6.87 22.07 0.58
N GLN A 123 7.83 22.61 1.31
CA GLN A 123 7.57 23.02 2.70
C GLN A 123 6.37 23.98 2.75
N GLY A 124 6.36 24.96 1.84
CA GLY A 124 5.31 25.95 1.74
C GLY A 124 3.95 25.32 1.58
N TYR A 126 3.02 22.28 2.31
CA TYR A 126 2.67 21.47 3.49
C TYR A 126 2.38 22.30 4.75
N GLU A 127 2.85 23.55 4.79
CA GLU A 127 2.47 24.49 5.86
C GLU A 127 0.97 24.80 5.81
N ASN A 128 0.39 24.76 4.62
CA ASN A 128 -1.04 24.96 4.41
C ASN A 128 -1.83 23.68 4.11
N VAL A 129 -1.50 22.59 4.79
CA VAL A 129 -2.23 21.32 4.67
C VAL A 129 -2.78 21.00 6.07
N PRO A 130 -4.10 20.79 6.22
CA PRO A 130 -4.54 20.45 7.58
C PRO A 130 -4.01 19.08 8.04
N ALA A 131 -3.94 18.91 9.36
CA ALA A 131 -3.35 17.70 9.95
C ALA A 131 -4.06 16.44 9.50
N SER A 132 -5.37 16.57 9.32
CA SER A 132 -6.22 15.46 8.90
C SER A 132 -5.88 14.99 7.50
N ALA A 133 -5.56 15.94 6.62
CA ALA A 133 -5.10 15.68 5.25
C ALA A 133 -3.73 15.03 5.23
N LEU A 134 -2.81 15.55 6.04
CA LEU A 134 -1.46 14.99 6.14
C LEU A 134 -1.56 13.56 6.62
N LYS A 135 -2.39 13.33 7.64
CA LYS A 135 -2.62 11.99 8.18
C LYS A 135 -3.12 11.03 7.11
N ASP A 136 -4.06 11.48 6.27
CA ASP A 136 -4.64 10.62 5.23
C ASP A 136 -3.52 10.19 4.26
N SER A 137 -2.69 11.16 3.88
CA SER A 137 -1.57 10.94 2.99
C SER A 137 -0.58 9.93 3.60
N ILE A 138 -0.30 10.08 4.90
CA ILE A 138 0.69 9.19 5.55
C ILE A 138 0.14 7.76 5.65
N LEU A 139 -1.17 7.60 5.79
CA LEU A 139 -1.79 6.27 5.85
C LEU A 139 -1.72 5.52 4.51
N ILE A 140 -2.06 6.22 3.42
CA ILE A 140 -1.87 5.70 2.08
C ILE A 140 -0.43 5.24 1.88
N ASP A 141 0.56 6.09 2.19
CA ASP A 141 1.98 5.78 1.93
C ASP A 141 2.46 4.59 2.79
N SER A 142 1.96 4.53 4.01
CA SER A 142 2.29 3.44 4.92
C SER A 142 1.66 2.13 4.43
N GLY A 143 0.47 2.22 3.82
CA GLY A 143 -0.13 1.11 3.12
C GLY A 143 0.73 0.63 1.97
N LEU A 144 1.25 1.56 1.20
CA LEU A 144 2.16 1.22 0.13
C LEU A 144 3.36 0.41 0.57
N VAL A 145 4.10 0.88 1.57
CA VAL A 145 5.33 0.22 2.01
C VAL A 145 4.99 -1.12 2.67
N SER A 146 3.87 -1.18 3.38
CA SER A 146 3.42 -2.43 4.03
C SER A 146 3.14 -3.53 3.00
N GLN A 148 4.57 -3.81 0.02
CA GLN A 148 5.82 -4.23 -0.58
C GLN A 148 6.62 -5.08 0.41
N LEU A 149 6.56 -4.71 1.69
CA LEU A 149 7.12 -5.52 2.78
C LEU A 149 6.60 -6.99 2.83
N LEU A 151 5.56 -8.70 0.36
CA LEU A 151 5.95 -9.42 -0.85
C LEU A 151 7.46 -9.65 -0.80
N VAL A 152 8.19 -8.66 -0.29
CA VAL A 152 9.61 -8.82 -0.04
C VAL A 152 9.86 -9.97 0.94
N ALA A 153 9.05 -10.04 2.01
CA ALA A 153 9.10 -11.18 2.96
C ALA A 153 9.05 -12.52 2.21
N ARG A 154 8.15 -12.66 1.24
CA ARG A 154 8.04 -13.92 0.50
C ARG A 154 9.19 -14.13 -0.48
N ALA A 155 9.77 -13.07 -1.02
CA ALA A 155 11.03 -13.17 -1.78
C ALA A 155 12.16 -13.85 -0.95
N HIS A 156 12.15 -13.58 0.36
CA HIS A 156 13.11 -14.14 1.34
C HIS A 156 12.67 -15.50 1.95
N GLY A 157 11.54 -16.03 1.49
CA GLY A 157 11.03 -17.33 1.96
C GLY A 157 10.18 -17.30 3.24
N TYR A 158 9.89 -16.08 3.72
CA TYR A 158 9.04 -15.88 4.87
C TYR A 158 7.60 -15.62 4.45
N ASP A 159 6.72 -15.56 5.43
CA ASP A 159 5.31 -15.18 5.22
C ASP A 159 4.90 -14.22 6.31
N THR A 160 3.72 -13.60 6.14
CA THR A 160 3.27 -12.54 7.03
C THR A 160 1.74 -12.59 7.26
N ASN A 161 1.30 -11.81 8.23
CA ASN A 161 -0.12 -11.54 8.50
C ASN A 161 -0.21 -10.06 8.90
N PRO A 162 -0.88 -9.23 8.06
CA PRO A 162 -1.18 -7.88 8.50
C PRO A 162 -2.27 -7.95 9.56
N ILE A 163 -2.11 -7.13 10.61
CA ILE A 163 -2.89 -7.24 11.83
C ILE A 163 -3.34 -5.84 12.32
N GLY A 164 -4.65 -5.64 12.38
CA GLY A 164 -5.21 -4.41 12.90
C GLY A 164 -5.84 -4.58 14.28
N GLY A 165 -5.98 -5.82 14.73
CA GLY A 165 -6.59 -6.12 16.03
C GLY A 165 -5.60 -6.05 17.18
N TYR A 166 -5.27 -4.81 17.57
CA TYR A 166 -4.33 -4.56 18.66
C TYR A 166 -4.60 -3.22 19.29
N GLU A 167 -4.01 -2.99 20.46
N GLU A 167 -4.01 -2.99 20.46
CA GLU A 167 -4.28 -1.76 21.23
CA GLU A 167 -4.29 -1.78 21.23
C GLU A 167 -3.43 -0.63 20.68
C GLU A 167 -3.44 -0.64 20.69
N LYS A 168 -3.89 -0.04 19.60
CA LYS A 168 -3.12 0.99 18.85
C LYS A 168 -2.82 2.21 19.72
N ASP A 169 -3.71 2.52 20.63
CA ASP A 169 -3.54 3.70 21.43
C ASP A 169 -2.53 3.51 22.58
N GLN A 170 -2.09 2.27 22.80
CA GLN A 170 -1.15 1.96 23.88
C GLN A 170 0.27 1.62 23.37
N ILE A 171 0.39 1.31 22.08
CA ILE A 171 1.62 0.68 21.60
C ILE A 171 2.83 1.62 21.60
N ALA A 172 2.65 2.89 21.25
CA ALA A 172 3.78 3.81 21.17
C ALA A 172 4.45 3.96 22.53
N GLU A 173 3.65 4.28 23.53
CA GLU A 173 4.11 4.44 24.89
C GLU A 173 4.75 3.15 25.41
N ALA A 174 4.15 2.00 25.11
CA ALA A 174 4.66 0.70 25.58
C ALA A 174 6.11 0.45 25.13
N PHE A 175 6.44 0.99 23.96
CA PHE A 175 7.79 0.86 23.43
C PHE A 175 8.63 2.14 23.47
N GLY A 176 8.25 3.07 24.33
CA GLY A 176 9.11 4.21 24.65
C GLY A 176 9.18 5.27 23.55
N GLU A 178 8.03 8.68 21.51
CA GLU A 178 7.49 9.97 21.97
C GLU A 178 6.02 10.04 21.61
N LYS A 179 5.25 10.78 22.42
CA LYS A 179 3.80 10.87 22.25
C LYS A 179 3.42 11.88 21.17
N ASP A 180 2.19 11.73 20.68
CA ASP A 180 1.54 12.64 19.74
C ASP A 180 2.28 12.86 18.42
N ARG A 181 2.97 11.84 17.93
CA ARG A 181 3.79 11.93 16.74
C ARG A 181 3.52 10.79 15.74
N TYR A 182 3.36 9.58 16.27
CA TYR A 182 3.37 8.37 15.49
C TYR A 182 1.98 7.74 15.41
N VAL A 183 1.44 7.74 14.19
CA VAL A 183 0.13 7.16 13.92
C VAL A 183 0.31 5.66 13.76
N PRO A 184 -0.34 4.85 14.62
CA PRO A 184 -0.31 3.39 14.41
C PRO A 184 -0.98 2.94 13.11
N VAL A 185 -0.28 2.17 12.28
CA VAL A 185 -0.84 1.78 10.98
C VAL A 185 -1.32 0.33 11.04
N LEU A 187 0.15 -3.89 12.69
CA LEU A 187 1.22 -4.83 12.96
C LEU A 187 1.33 -5.79 11.77
N LEU A 188 2.52 -6.34 11.61
CA LEU A 188 2.78 -7.33 10.57
C LEU A 188 3.71 -8.41 11.14
N SER A 189 3.15 -9.56 11.42
CA SER A 189 3.96 -10.67 11.85
C SER A 189 4.73 -11.18 10.65
N ILE A 190 5.94 -11.69 10.90
CA ILE A 190 6.75 -12.27 9.85
C ILE A 190 7.48 -13.50 10.43
N GLY A 191 7.53 -14.54 9.65
CA GLY A 191 8.28 -15.73 10.04
C GLY A 191 8.23 -16.81 8.98
N LYS A 192 8.78 -17.96 9.31
CA LYS A 192 8.63 -19.17 8.48
C LYS A 192 7.28 -19.84 8.74
N ALA A 193 6.43 -19.90 7.71
CA ALA A 193 5.15 -20.58 7.78
C ALA A 193 5.29 -22.06 8.11
N VAL A 194 4.43 -22.55 8.99
CA VAL A 194 4.37 -23.97 9.29
C VAL A 194 3.15 -24.62 8.70
N ASP A 195 2.26 -23.83 8.11
CA ASP A 195 1.14 -24.36 7.33
C ASP A 195 0.81 -23.40 6.19
N ALA A 196 -0.07 -23.86 5.29
CA ALA A 196 -0.40 -23.14 4.05
C ALA A 196 -1.41 -22.02 4.22
N GLY A 197 -2.07 -21.92 5.35
CA GLY A 197 -3.13 -20.91 5.47
C GLY A 197 -4.37 -21.38 4.71
N TYR A 198 -5.20 -20.44 4.30
CA TYR A 198 -6.48 -20.77 3.67
C TYR A 198 -6.71 -19.83 2.51
N PRO A 199 -7.25 -20.36 1.41
CA PRO A 199 -7.48 -19.50 0.27
C PRO A 199 -8.70 -18.60 0.55
N SER A 200 -8.75 -17.47 -0.13
CA SER A 200 -9.85 -16.56 0.05
C SER A 200 -10.32 -16.05 -1.29
N VAL A 201 -11.53 -15.53 -1.31
CA VAL A 201 -12.14 -15.05 -2.56
C VAL A 201 -11.89 -13.57 -2.79
N ARG A 202 -11.84 -13.20 -4.07
CA ARG A 202 -11.93 -11.80 -4.48
C ARG A 202 -13.13 -11.54 -5.39
N LEU A 203 -13.69 -10.34 -5.26
CA LEU A 203 -14.81 -9.92 -6.08
C LEU A 203 -14.45 -9.91 -7.57
N PRO A 204 -15.43 -10.19 -8.44
CA PRO A 204 -15.18 -10.03 -9.89
C PRO A 204 -14.87 -8.57 -10.23
N ILE A 205 -14.05 -8.37 -11.26
CA ILE A 205 -13.60 -7.01 -11.61
C ILE A 205 -14.73 -6.12 -12.04
N ASN A 206 -15.70 -6.67 -12.76
CA ASN A 206 -16.89 -5.89 -13.12
C ASN A 206 -17.71 -5.35 -11.93
N ASP A 207 -17.54 -5.93 -10.74
CA ASP A 207 -18.13 -5.37 -9.53
C ASP A 207 -17.42 -4.16 -8.98
N ILE A 208 -16.13 -3.97 -9.28
CA ILE A 208 -15.37 -2.93 -8.58
C ILE A 208 -14.62 -1.95 -9.52
N ALA A 209 -14.77 -2.12 -10.84
CA ALA A 209 -14.08 -1.21 -11.78
C ALA A 209 -15.03 -0.80 -12.89
N ASP A 210 -14.89 0.45 -13.33
CA ASP A 210 -15.65 0.95 -14.51
C ASP A 210 -14.69 1.58 -15.48
N TRP A 211 -14.85 1.29 -16.77
CA TRP A 211 -14.04 1.91 -17.81
C TRP A 211 -14.70 3.23 -18.27
N LYS A 212 -13.88 4.28 -18.46
CA LYS A 212 -14.34 5.62 -18.89
C LYS A 212 -13.56 6.20 -20.06
N THR B 3 9.44 -1.88 -27.59
CA THR B 3 8.33 -2.91 -27.48
C THR B 3 8.11 -3.25 -26.01
N THR B 4 6.87 -3.58 -25.64
CA THR B 4 6.60 -3.85 -24.24
C THR B 4 6.91 -5.34 -23.99
N GLN B 5 7.57 -5.56 -22.86
CA GLN B 5 8.24 -6.81 -22.52
C GLN B 5 7.90 -7.19 -21.09
N THR B 6 7.29 -8.34 -20.88
CA THR B 6 7.01 -8.78 -19.54
C THR B 6 8.27 -9.18 -18.73
N ALA B 7 8.15 -9.11 -17.41
CA ALA B 7 9.21 -9.50 -16.50
C ALA B 7 8.68 -10.55 -15.54
N THR B 8 9.59 -11.39 -15.06
CA THR B 8 9.25 -12.39 -14.04
C THR B 8 10.00 -12.20 -12.73
N ASP B 9 11.14 -11.53 -12.79
CA ASP B 9 12.02 -11.43 -11.63
C ASP B 9 11.52 -10.40 -10.63
N PHE B 10 11.17 -10.86 -9.42
CA PHE B 10 10.64 -10.02 -8.38
C PHE B 10 11.53 -8.83 -8.03
N GLU B 12 13.92 -7.31 -9.73
CA GLU B 12 13.99 -6.34 -10.84
C GLU B 12 12.71 -5.56 -10.95
N ILE B 13 11.57 -6.22 -10.78
CA ILE B 13 10.27 -5.51 -10.80
C ILE B 13 10.19 -4.46 -9.68
N VAL B 14 10.59 -4.82 -8.46
CA VAL B 14 10.56 -3.88 -7.34
C VAL B 14 11.65 -2.82 -7.49
N LYS B 15 12.90 -3.25 -7.66
CA LYS B 15 14.02 -2.28 -7.61
C LYS B 15 13.98 -1.31 -8.79
N GLY B 16 13.50 -1.79 -9.93
CA GLY B 16 13.41 -1.00 -11.12
C GLY B 16 12.24 -0.06 -11.18
N ARG B 17 11.33 -0.11 -10.19
CA ARG B 17 10.15 0.75 -10.22
C ARG B 17 10.48 2.23 -9.85
N ARG B 18 10.19 3.13 -10.77
CA ARG B 18 10.25 4.57 -10.54
C ARG B 18 8.93 5.16 -10.96
N SER B 19 8.69 6.39 -10.55
CA SER B 19 7.57 7.19 -11.10
C SER B 19 7.95 7.63 -12.52
N ILE B 20 7.17 7.15 -13.49
CA ILE B 20 7.38 7.45 -14.92
C ILE B 20 6.35 8.46 -15.35
N ARG B 21 6.81 9.55 -15.93
CA ARG B 21 5.90 10.65 -16.17
C ARG B 21 5.66 10.84 -17.68
N ASN B 22 6.35 10.08 -18.51
CA ASN B 22 6.20 10.22 -19.96
C ASN B 22 6.03 8.84 -20.60
N TYR B 23 4.95 8.69 -21.36
CA TYR B 23 4.58 7.41 -21.92
C TYR B 23 4.50 7.41 -23.46
N ASP B 24 4.54 6.21 -24.03
CA ASP B 24 4.36 5.99 -25.45
C ASP B 24 2.90 6.23 -25.80
N THR B 25 2.65 7.32 -26.51
CA THR B 25 1.28 7.71 -26.88
C THR B 25 0.64 6.71 -27.88
N ASN B 26 1.46 5.85 -28.50
CA ASN B 26 0.94 4.84 -29.43
C ASN B 26 0.72 3.49 -28.82
N VAL B 27 0.92 3.36 -27.51
CA VAL B 27 0.63 2.09 -26.83
C VAL B 27 -0.66 2.22 -26.05
N LYS B 28 -1.61 1.32 -26.33
CA LYS B 28 -2.83 1.20 -25.53
C LYS B 28 -2.95 -0.21 -24.92
N ILE B 29 -3.55 -0.23 -23.74
CA ILE B 29 -3.77 -1.47 -22.99
C ILE B 29 -5.18 -1.97 -23.22
N SER B 30 -5.33 -3.18 -23.74
CA SER B 30 -6.65 -3.72 -23.99
C SER B 30 -7.45 -3.85 -22.71
N LYS B 31 -8.77 -3.86 -22.85
CA LYS B 31 -9.64 -4.12 -21.70
C LYS B 31 -9.34 -5.49 -21.09
N GLU B 32 -9.04 -6.47 -21.95
CA GLU B 32 -8.64 -7.81 -21.49
C GLU B 32 -7.40 -7.81 -20.61
N GLU B 33 -6.32 -7.20 -21.09
CA GLU B 33 -5.09 -7.11 -20.29
C GLU B 33 -5.29 -6.29 -19.04
N THR B 35 -8.08 -5.85 -17.31
CA THR B 35 -8.84 -6.69 -16.39
C THR B 35 -7.90 -7.72 -15.67
N GLN B 36 -7.02 -8.35 -16.42
CA GLN B 36 -6.03 -9.28 -15.84
C GLN B 36 -5.07 -8.60 -14.84
N ILE B 37 -4.64 -7.38 -15.17
CA ILE B 37 -3.82 -6.56 -14.28
C ILE B 37 -4.59 -6.28 -12.97
N LEU B 38 -5.84 -5.89 -13.08
CA LEU B 38 -6.64 -5.58 -11.89
C LEU B 38 -6.96 -6.82 -11.05
N GLU B 39 -7.22 -7.96 -11.70
CA GLU B 39 -7.41 -9.27 -11.04
C GLU B 39 -6.21 -9.63 -10.18
N GLU B 40 -5.01 -9.46 -10.74
CA GLU B 40 -3.76 -9.75 -10.06
C GLU B 40 -3.53 -8.74 -8.91
N ALA B 41 -3.80 -7.46 -9.14
CA ALA B 41 -3.58 -6.45 -8.08
C ALA B 41 -4.49 -6.66 -6.88
N THR B 42 -5.76 -7.04 -7.16
CA THR B 42 -6.79 -7.19 -6.13
C THR B 42 -6.69 -8.44 -5.25
N LEU B 43 -5.72 -9.28 -5.55
CA LEU B 43 -5.33 -10.37 -4.66
C LEU B 43 -4.76 -9.87 -3.33
N ALA B 44 -4.50 -8.55 -3.25
CA ALA B 44 -4.07 -7.85 -2.02
C ALA B 44 -4.97 -8.18 -0.83
N PRO B 45 -4.41 -8.15 0.39
CA PRO B 45 -5.18 -8.33 1.61
C PRO B 45 -5.94 -7.05 1.97
N SER B 46 -6.94 -7.21 2.82
CA SER B 46 -7.71 -6.08 3.39
C SER B 46 -8.39 -6.52 4.70
N SER B 47 -8.66 -5.56 5.58
CA SER B 47 -9.37 -5.86 6.83
C SER B 47 -10.65 -6.64 6.52
N VAL B 48 -10.80 -7.77 7.24
CA VAL B 48 -11.87 -8.78 7.07
C VAL B 48 -12.18 -9.21 5.61
N ASN B 49 -11.17 -9.08 4.74
CA ASN B 49 -11.35 -9.30 3.33
C ASN B 49 -12.48 -8.48 2.68
N GLN B 51 -12.28 -5.71 0.93
CA GLN B 51 -11.94 -5.34 -0.43
C GLN B 51 -12.58 -4.00 -0.78
N PRO B 52 -12.23 -2.91 -0.06
CA PRO B 52 -13.01 -1.67 -0.21
C PRO B 52 -12.65 -0.80 -1.43
N TRP B 53 -11.66 -1.22 -2.19
CA TRP B 53 -11.10 -0.43 -3.28
C TRP B 53 -12.01 -0.41 -4.48
N ARG B 54 -12.02 0.71 -5.20
CA ARG B 54 -12.80 0.82 -6.42
C ARG B 54 -11.99 1.60 -7.44
N PHE B 55 -12.24 1.32 -8.72
CA PHE B 55 -11.42 1.83 -9.82
C PHE B 55 -12.21 2.46 -10.99
N LEU B 56 -11.72 3.59 -11.50
CA LEU B 56 -12.12 4.07 -12.81
C LEU B 56 -10.92 3.86 -13.71
N VAL B 57 -11.10 3.13 -14.81
CA VAL B 57 -10.06 3.01 -15.83
C VAL B 57 -10.32 4.05 -16.92
N ILE B 58 -9.55 5.15 -16.85
CA ILE B 58 -9.85 6.29 -17.71
C ILE B 58 -8.91 6.18 -18.89
N ASP B 59 -9.40 5.58 -19.98
CA ASP B 59 -8.54 5.35 -21.16
C ASP B 59 -9.09 5.91 -22.48
N SER B 60 -10.39 6.24 -22.52
CA SER B 60 -11.01 6.78 -23.74
C SER B 60 -10.58 8.23 -23.93
N GLU B 61 -10.64 8.68 -25.18
CA GLU B 61 -10.37 10.07 -25.55
C GLU B 61 -11.29 11.04 -24.75
N GLU B 62 -12.57 10.69 -24.65
CA GLU B 62 -13.53 11.44 -23.87
C GLU B 62 -13.16 11.42 -22.39
N GLY B 63 -12.79 10.26 -21.87
CA GLY B 63 -12.42 10.17 -20.46
C GLY B 63 -11.20 10.98 -20.13
N LYS B 64 -10.16 10.86 -20.96
CA LYS B 64 -8.94 11.62 -20.79
C LYS B 64 -9.23 13.12 -20.85
N ALA B 65 -10.11 13.55 -21.78
CA ALA B 65 -10.49 14.97 -21.88
C ALA B 65 -11.25 15.46 -20.64
N THR B 66 -12.08 14.58 -20.08
CA THR B 66 -12.76 14.84 -18.80
C THR B 66 -11.77 14.92 -17.61
N LEU B 67 -10.78 14.04 -17.58
CA LEU B 67 -9.80 14.03 -16.47
C LEU B 67 -8.82 15.22 -16.48
N ALA B 68 -8.38 15.61 -17.67
CA ALA B 68 -7.28 16.57 -17.84
C ALA B 68 -7.41 17.86 -17.04
N PRO B 69 -8.54 18.58 -17.16
CA PRO B 69 -8.69 19.83 -16.39
C PRO B 69 -8.65 19.67 -14.85
N LEU B 70 -8.86 18.45 -14.36
CA LEU B 70 -8.78 18.13 -12.94
C LEU B 70 -7.37 17.78 -12.45
N ALA B 71 -6.44 17.70 -13.41
N ALA B 71 -6.39 17.63 -13.35
CA ALA B 71 -5.08 17.24 -13.18
CA ALA B 71 -5.12 17.00 -12.96
C ALA B 71 -4.10 18.30 -13.66
C ALA B 71 -4.06 18.03 -12.66
N LYS B 72 -4.38 19.52 -13.23
N LYS B 72 -4.48 19.29 -12.61
CA LYS B 72 -3.39 20.25 -12.46
CA LYS B 72 -3.58 20.35 -12.22
C LYS B 72 -2.06 20.35 -13.20
C LYS B 72 -2.32 20.31 -13.08
N PHE B 73 -0.98 20.13 -12.47
N PHE B 73 -1.23 19.92 -12.46
CA PHE B 73 0.28 20.03 -13.17
CA PHE B 73 0.10 20.05 -13.01
C PHE B 73 0.74 18.61 -13.18
C PHE B 73 0.71 18.69 -13.37
N ASN B 74 -0.18 17.72 -13.57
CA ASN B 74 0.18 16.35 -13.92
C ASN B 74 -0.37 16.00 -15.30
N GLN B 75 -0.36 16.99 -16.19
CA GLN B 75 -0.91 16.78 -17.53
C GLN B 75 -0.13 15.85 -18.44
N VAL B 76 1.19 15.80 -18.28
CA VAL B 76 2.01 14.98 -19.18
C VAL B 76 1.63 13.50 -18.96
N GLN B 77 1.48 13.16 -17.70
CA GLN B 77 1.12 11.79 -17.29
C GLN B 77 -0.26 11.45 -17.82
N VAL B 78 -1.23 12.35 -17.59
CA VAL B 78 -2.62 12.10 -17.98
C VAL B 78 -2.71 11.99 -19.50
N GLU B 79 -2.12 12.94 -20.20
CA GLU B 79 -2.20 12.94 -21.66
C GLU B 79 -1.50 11.77 -22.31
N THR B 80 -0.25 11.49 -21.95
CA THR B 80 0.52 10.49 -22.70
C THR B 80 0.19 9.04 -22.28
N SER B 81 -0.36 8.84 -21.09
CA SER B 81 -0.50 7.48 -20.54
C SER B 81 -1.47 6.64 -21.36
N SER B 82 -1.32 5.31 -21.30
CA SER B 82 -2.29 4.40 -21.90
C SER B 82 -3.63 4.58 -21.22
N ALA B 83 -3.60 4.77 -19.90
CA ALA B 83 -4.79 5.03 -19.10
C ALA B 83 -4.37 5.72 -17.79
N VAL B 84 -5.35 6.35 -17.15
CA VAL B 84 -5.20 6.74 -15.77
C VAL B 84 -6.22 5.91 -15.01
N ILE B 85 -5.71 5.18 -14.03
CA ILE B 85 -6.55 4.49 -13.05
C ILE B 85 -6.81 5.39 -11.82
N ALA B 86 -8.07 5.77 -11.61
CA ALA B 86 -8.46 6.55 -10.45
C ALA B 86 -8.91 5.56 -9.38
N VAL B 87 -8.23 5.60 -8.22
CA VAL B 87 -8.43 4.68 -7.11
C VAL B 87 -9.31 5.39 -6.06
N PHE B 88 -10.32 4.69 -5.59
CA PHE B 88 -11.23 5.17 -4.54
C PHE B 88 -11.47 4.09 -3.52
N GLY B 89 -11.88 4.51 -2.33
CA GLY B 89 -12.35 3.61 -1.28
C GLY B 89 -13.85 3.81 -1.16
N ASP B 90 -14.59 2.71 -1.07
CA ASP B 90 -16.06 2.74 -0.89
C ASP B 90 -16.42 2.77 0.61
N LYS B 92 -19.24 2.47 1.85
CA LYS B 92 -20.18 1.36 2.05
C LYS B 92 -19.58 -0.05 1.79
N ALA B 93 -18.25 -0.20 1.84
CA ALA B 93 -17.58 -1.51 1.59
C ALA B 93 -18.16 -2.70 2.37
N ILE B 94 -18.59 -2.48 3.61
CA ILE B 94 -19.06 -3.58 4.47
C ILE B 94 -20.33 -4.19 3.96
N ASP B 95 -21.09 -3.43 3.16
CA ASP B 95 -22.34 -3.90 2.53
C ASP B 95 -22.12 -5.11 1.62
N GLN B 96 -20.88 -5.36 1.18
CA GLN B 96 -20.54 -6.52 0.36
C GLN B 96 -20.04 -7.70 1.14
N LEU B 97 -19.94 -7.56 2.46
CA LEU B 97 -19.40 -8.63 3.30
C LEU B 97 -20.11 -9.96 3.09
N GLU B 98 -21.45 -9.93 3.05
CA GLU B 98 -22.19 -11.20 2.98
C GLU B 98 -22.04 -11.79 1.59
N ASN B 99 -21.97 -10.93 0.56
CA ASN B 99 -21.71 -11.36 -0.82
C ASN B 99 -20.33 -12.06 -0.88
N ILE B 100 -19.33 -11.42 -0.31
CA ILE B 100 -17.95 -11.95 -0.29
C ILE B 100 -17.88 -13.35 0.36
N TYR B 101 -18.40 -13.46 1.58
CA TYR B 101 -18.31 -14.70 2.36
C TYR B 101 -19.25 -15.78 1.77
N ASP B 102 -20.42 -15.37 1.25
CA ASP B 102 -21.32 -16.32 0.56
C ASP B 102 -20.60 -17.00 -0.62
N THR B 103 -19.87 -16.22 -1.40
CA THR B 103 -19.06 -16.73 -2.51
C THR B 103 -17.98 -17.72 -2.05
N ALA B 104 -17.32 -17.44 -0.93
CA ALA B 104 -16.34 -18.36 -0.32
C ALA B 104 -16.97 -19.70 0.01
N VAL B 105 -18.20 -19.67 0.56
CA VAL B 105 -18.89 -20.91 0.84
C VAL B 105 -19.27 -21.61 -0.48
N GLU B 106 -19.89 -20.90 -1.42
CA GLU B 106 -20.27 -21.46 -2.71
C GLU B 106 -19.11 -22.15 -3.40
N LYS B 107 -17.96 -21.49 -3.41
CA LYS B 107 -16.77 -22.00 -4.07
C LYS B 107 -15.98 -23.01 -3.22
N GLY B 108 -16.49 -23.36 -2.04
CA GLY B 108 -15.90 -24.41 -1.23
C GLY B 108 -14.66 -23.98 -0.49
N LEU B 109 -14.42 -22.67 -0.39
CA LEU B 109 -13.24 -22.16 0.26
C LEU B 109 -13.46 -21.94 1.72
N PRO B 111 -16.19 -23.24 5.09
CA PRO B 111 -17.38 -23.97 5.57
C PRO B 111 -18.48 -23.00 5.96
N GLN B 112 -19.73 -23.36 5.72
CA GLN B 112 -20.85 -22.50 6.09
C GLN B 112 -20.85 -22.18 7.58
N GLU B 113 -20.49 -23.16 8.39
CA GLU B 113 -20.38 -23.01 9.84
C GLU B 113 -19.56 -21.79 10.20
N VAL B 114 -18.36 -21.72 9.63
CA VAL B 114 -17.42 -20.64 9.83
C VAL B 114 -18.01 -19.29 9.34
N ARG B 115 -18.56 -19.31 8.15
CA ARG B 115 -19.20 -18.14 7.58
C ARG B 115 -20.35 -17.64 8.44
N ASP B 116 -21.17 -18.56 8.93
CA ASP B 116 -22.32 -18.18 9.74
C ASP B 116 -21.92 -17.63 11.10
N ARG B 117 -20.71 -17.94 11.58
CA ARG B 117 -20.21 -17.34 12.81
C ARG B 117 -19.49 -16.03 12.52
N GLN B 118 -18.67 -16.00 11.48
CA GLN B 118 -17.82 -14.82 11.25
C GLN B 118 -18.59 -13.61 10.78
N VAL B 119 -19.55 -13.82 9.87
CA VAL B 119 -20.25 -12.69 9.27
C VAL B 119 -20.95 -11.80 10.34
N PRO B 120 -21.85 -12.37 11.17
CA PRO B 120 -22.51 -11.57 12.19
C PRO B 120 -21.54 -10.90 13.18
N ALA B 121 -20.49 -11.60 13.60
CA ALA B 121 -19.44 -11.01 14.44
C ALA B 121 -18.76 -9.79 13.80
N ILE B 122 -18.35 -9.94 12.54
CA ILE B 122 -17.74 -8.85 11.79
C ILE B 122 -18.73 -7.69 11.67
N GLN B 123 -19.98 -7.98 11.35
CA GLN B 123 -20.99 -6.91 11.21
C GLN B 123 -21.21 -6.15 12.54
N GLY B 124 -21.18 -6.89 13.63
CA GLY B 124 -21.33 -6.30 14.96
C GLY B 124 -20.18 -5.38 15.30
N TYR B 126 -18.10 -3.78 13.15
CA TYR B 126 -18.11 -2.56 12.32
C TYR B 126 -19.29 -1.64 12.62
N GLU B 127 -20.29 -2.17 13.30
CA GLU B 127 -21.39 -1.32 13.83
C GLU B 127 -20.89 -0.30 14.86
N ASN B 128 -19.87 -0.67 15.66
N ASN B 128 -19.88 -0.68 15.64
CA ASN B 128 -19.24 0.26 16.61
CA ASN B 128 -19.24 0.22 16.61
C ASN B 128 -17.87 0.79 16.14
C ASN B 128 -17.86 0.78 16.14
N VAL B 129 -17.69 0.90 14.82
CA VAL B 129 -16.52 1.58 14.23
C VAL B 129 -17.05 2.90 13.64
N PRO B 130 -16.56 4.08 14.11
CA PRO B 130 -16.98 5.36 13.52
C PRO B 130 -16.44 5.61 12.11
N ALA B 131 -17.08 6.55 11.40
CA ALA B 131 -16.77 6.81 9.99
C ALA B 131 -15.32 7.17 9.81
N SER B 132 -14.78 7.94 10.74
CA SER B 132 -13.38 8.38 10.64
C SER B 132 -12.43 7.18 10.71
N ALA B 133 -12.74 6.18 11.55
CA ALA B 133 -11.89 5.01 11.69
C ALA B 133 -12.04 4.05 10.50
N LEU B 134 -13.26 3.94 10.00
CA LEU B 134 -13.49 3.18 8.77
C LEU B 134 -12.69 3.78 7.61
N LYS B 135 -12.69 5.11 7.49
CA LYS B 135 -11.97 5.78 6.42
C LYS B 135 -10.47 5.53 6.48
N ASP B 136 -9.90 5.59 7.67
CA ASP B 136 -8.47 5.24 7.88
C ASP B 136 -8.13 3.82 7.38
N SER B 137 -8.99 2.88 7.74
CA SER B 137 -8.83 1.49 7.35
C SER B 137 -8.90 1.33 5.83
N ILE B 138 -9.88 1.96 5.22
CA ILE B 138 -10.06 1.95 3.76
C ILE B 138 -8.88 2.64 3.02
N LEU B 139 -8.35 3.74 3.58
CA LEU B 139 -7.14 4.40 3.06
C LEU B 139 -5.93 3.43 3.09
N ILE B 140 -5.73 2.75 4.21
CA ILE B 140 -4.63 1.76 4.30
C ILE B 140 -4.76 0.67 3.26
N ASP B 141 -5.95 0.04 3.17
CA ASP B 141 -6.21 -1.04 2.20
C ASP B 141 -6.07 -0.56 0.75
N SER B 142 -6.47 0.67 0.48
CA SER B 142 -6.35 1.24 -0.88
C SER B 142 -4.87 1.47 -1.23
N GLY B 143 -4.07 1.84 -0.24
CA GLY B 143 -2.61 1.86 -0.38
C GLY B 143 -2.03 0.51 -0.73
N LEU B 144 -2.50 -0.53 -0.01
CA LEU B 144 -2.06 -1.91 -0.25
C LEU B 144 -2.32 -2.34 -1.70
N VAL B 145 -3.55 -2.19 -2.18
CA VAL B 145 -3.85 -2.63 -3.56
C VAL B 145 -3.10 -1.77 -4.60
N SER B 146 -2.93 -0.48 -4.33
CA SER B 146 -2.24 0.42 -5.27
C SER B 146 -0.74 0.07 -5.47
N GLN B 148 0.51 -3.04 -5.05
CA GLN B 148 0.51 -4.27 -5.83
C GLN B 148 0.18 -3.97 -7.29
N LEU B 149 -0.71 -3.02 -7.56
CA LEU B 149 -1.02 -2.65 -8.95
C LEU B 149 0.21 -2.08 -9.71
N LEU B 151 3.39 -2.83 -9.18
CA LEU B 151 4.32 -3.90 -9.38
C LEU B 151 3.82 -4.86 -10.45
N VAL B 152 2.53 -5.14 -10.44
CA VAL B 152 1.89 -5.96 -11.45
C VAL B 152 2.00 -5.30 -12.84
N ALA B 153 1.82 -3.97 -12.92
CA ALA B 153 2.05 -3.22 -14.18
C ALA B 153 3.42 -3.51 -14.81
N ARG B 154 4.44 -3.55 -13.97
CA ARG B 154 5.82 -3.82 -14.41
C ARG B 154 6.01 -5.26 -14.80
N ALA B 155 5.28 -6.17 -14.16
CA ALA B 155 5.33 -7.56 -14.56
C ALA B 155 4.82 -7.69 -15.99
N HIS B 156 3.89 -6.83 -16.38
CA HIS B 156 3.34 -6.80 -17.73
C HIS B 156 4.13 -5.92 -18.70
N GLY B 157 5.23 -5.32 -18.25
CA GLY B 157 6.05 -4.44 -19.11
C GLY B 157 5.69 -2.96 -19.12
N TYR B 158 4.79 -2.56 -18.24
CA TYR B 158 4.36 -1.18 -18.16
C TYR B 158 5.03 -0.51 -16.97
N ASP B 159 4.69 0.77 -16.79
CA ASP B 159 5.13 1.56 -15.64
C ASP B 159 4.02 2.52 -15.23
N THR B 160 4.21 3.18 -14.09
CA THR B 160 3.17 3.97 -13.46
C THR B 160 3.80 5.22 -12.84
N ASN B 161 2.92 6.16 -12.50
CA ASN B 161 3.22 7.27 -11.60
C ASN B 161 1.99 7.44 -10.69
N PRO B 162 2.16 7.19 -9.37
CA PRO B 162 1.14 7.55 -8.36
C PRO B 162 1.00 9.07 -8.30
N ILE B 163 -0.24 9.57 -8.31
CA ILE B 163 -0.49 11.03 -8.42
C ILE B 163 -1.55 11.47 -7.37
N GLY B 164 -1.15 12.41 -6.52
CA GLY B 164 -2.05 13.07 -5.57
C GLY B 164 -2.44 14.48 -5.96
N GLY B 165 -1.74 15.08 -6.93
CA GLY B 165 -2.01 16.45 -7.32
C GLY B 165 -3.10 16.51 -8.38
N TYR B 166 -4.34 16.31 -7.92
CA TYR B 166 -5.55 16.46 -8.72
C TYR B 166 -6.72 16.96 -7.86
N GLU B 167 -7.79 17.33 -8.54
N GLU B 167 -7.80 17.33 -8.53
CA GLU B 167 -9.00 17.86 -7.89
CA GLU B 167 -8.98 17.88 -7.84
C GLU B 167 -9.82 16.73 -7.32
C GLU B 167 -9.82 16.75 -7.27
N LYS B 168 -9.36 16.20 -6.19
N LYS B 168 -9.34 16.15 -6.19
CA LYS B 168 -9.98 15.03 -5.58
CA LYS B 168 -10.00 14.98 -5.58
C LYS B 168 -11.47 15.24 -5.29
C LYS B 168 -11.47 15.24 -5.27
N ASP B 169 -11.81 16.43 -4.80
CA ASP B 169 -13.21 16.78 -4.52
C ASP B 169 -14.16 16.73 -5.74
N GLN B 170 -13.60 16.79 -6.95
CA GLN B 170 -14.38 16.94 -8.15
C GLN B 170 -14.50 15.69 -9.02
N ILE B 171 -13.67 14.68 -8.78
CA ILE B 171 -13.52 13.58 -9.76
C ILE B 171 -14.71 12.61 -9.81
N ALA B 172 -15.29 12.31 -8.66
CA ALA B 172 -16.51 11.49 -8.56
C ALA B 172 -17.66 12.05 -9.43
N GLU B 173 -18.00 13.34 -9.24
CA GLU B 173 -19.05 13.98 -10.02
C GLU B 173 -18.72 14.02 -11.52
N ALA B 174 -17.46 14.28 -11.85
CA ALA B 174 -17.04 14.41 -13.26
C ALA B 174 -17.28 13.13 -14.06
N PHE B 175 -17.21 11.98 -13.37
CA PHE B 175 -17.32 10.65 -13.97
C PHE B 175 -18.62 9.93 -13.59
N GLY B 176 -19.57 10.71 -13.07
CA GLY B 176 -20.91 10.24 -12.81
C GLY B 176 -21.02 9.27 -11.67
N GLU B 178 -21.75 7.87 -7.82
CA GLU B 178 -22.61 8.13 -6.72
C GLU B 178 -21.94 9.11 -5.77
N LYS B 179 -22.71 10.10 -5.35
CA LYS B 179 -22.14 11.16 -4.52
C LYS B 179 -22.09 10.71 -3.05
N ASP B 180 -21.18 11.33 -2.33
CA ASP B 180 -20.97 11.17 -0.89
C ASP B 180 -20.77 9.71 -0.45
N ARG B 181 -19.95 8.99 -1.21
CA ARG B 181 -19.71 7.56 -1.00
C ARG B 181 -18.23 7.14 -1.16
N TYR B 182 -17.55 7.68 -2.19
CA TYR B 182 -16.25 7.15 -2.64
C TYR B 182 -15.14 8.11 -2.27
N VAL B 183 -14.23 7.67 -1.40
CA VAL B 183 -13.07 8.46 -0.99
C VAL B 183 -11.98 8.38 -2.07
N PRO B 184 -11.61 9.53 -2.67
CA PRO B 184 -10.45 9.59 -3.60
C PRO B 184 -9.13 9.25 -2.91
N VAL B 185 -8.40 8.30 -3.46
CA VAL B 185 -7.18 7.81 -2.88
C VAL B 185 -6.03 8.42 -3.66
N LEU B 187 -4.67 9.00 -8.21
CA LEU B 187 -4.63 8.62 -9.62
C LEU B 187 -3.35 7.82 -9.83
N LEU B 188 -3.38 6.90 -10.79
CA LEU B 188 -2.21 6.13 -11.15
C LEU B 188 -2.17 6.03 -12.67
N SER B 189 -1.30 6.83 -13.29
CA SER B 189 -1.04 6.73 -14.72
C SER B 189 -0.38 5.41 -14.98
N ILE B 190 -0.69 4.83 -16.13
CA ILE B 190 -0.09 3.57 -16.58
C ILE B 190 0.15 3.59 -18.08
N GLY B 191 1.30 3.07 -18.50
CA GLY B 191 1.62 2.92 -19.90
C GLY B 191 3.01 2.36 -20.10
N LYS B 192 3.45 2.38 -21.35
CA LYS B 192 4.81 2.00 -21.71
C LYS B 192 5.72 3.21 -21.58
N ALA B 193 6.79 3.05 -20.78
CA ALA B 193 7.78 4.10 -20.55
C ALA B 193 8.54 4.42 -21.83
N VAL B 194 8.75 5.72 -22.10
CA VAL B 194 9.63 6.12 -23.20
C VAL B 194 10.95 6.75 -22.71
N ASP B 195 11.07 6.91 -21.39
CA ASP B 195 12.35 7.16 -20.74
C ASP B 195 12.39 6.47 -19.35
N ALA B 196 13.56 6.45 -18.74
CA ALA B 196 13.81 5.73 -17.50
C ALA B 196 13.35 6.45 -16.25
N GLY B 197 13.18 7.76 -16.32
CA GLY B 197 12.87 8.50 -15.11
C GLY B 197 14.15 8.80 -14.32
N TYR B 198 13.97 9.30 -13.10
CA TYR B 198 15.07 9.78 -12.27
C TYR B 198 15.19 8.91 -11.03
N PRO B 199 16.42 8.47 -10.71
CA PRO B 199 16.60 7.77 -9.46
C PRO B 199 16.36 8.67 -8.26
N SER B 200 15.94 8.07 -7.16
CA SER B 200 15.66 8.85 -5.96
C SER B 200 16.26 8.15 -4.78
N VAL B 201 16.43 8.89 -3.70
CA VAL B 201 17.09 8.37 -2.52
C VAL B 201 16.07 7.90 -1.48
N ARG B 202 16.54 7.00 -0.62
CA ARG B 202 15.79 6.55 0.55
C ARG B 202 16.63 6.70 1.82
N LEU B 203 15.96 6.99 2.91
CA LEU B 203 16.61 7.19 4.21
C LEU B 203 17.30 5.88 4.66
N PRO B 204 18.38 6.01 5.46
CA PRO B 204 19.04 4.87 6.08
C PRO B 204 18.06 4.15 6.99
N ILE B 205 18.05 2.81 6.93
CA ILE B 205 17.12 2.01 7.75
C ILE B 205 17.25 2.30 9.22
N ASN B 206 18.47 2.46 9.74
N ASN B 206 18.49 2.45 9.70
CA ASN B 206 18.63 2.72 11.18
CA ASN B 206 18.75 2.78 11.10
C ASN B 206 18.13 4.12 11.61
C ASN B 206 18.00 4.03 11.58
N ASP B 207 17.74 4.95 10.66
CA ASP B 207 17.03 6.20 10.97
C ASP B 207 15.53 6.02 11.02
N ILE B 208 14.99 4.94 10.45
CA ILE B 208 13.53 4.79 10.39
C ILE B 208 13.02 3.49 11.04
N ALA B 209 13.95 2.71 11.60
CA ALA B 209 13.58 1.43 12.21
C ALA B 209 14.34 1.22 13.50
N ASP B 210 13.64 0.69 14.49
CA ASP B 210 14.20 0.38 15.79
C ASP B 210 13.92 -1.08 16.14
N TRP B 211 14.93 -1.77 16.68
CA TRP B 211 14.75 -3.17 17.10
C TRP B 211 14.38 -3.19 18.60
N LYS B 212 13.37 -3.98 18.96
CA LYS B 212 12.88 -4.09 20.33
C LYS B 212 12.82 -5.54 20.81
#